data_3HYS
#
_entry.id   3HYS
#
_cell.length_a   100.435
_cell.length_b   100.435
_cell.length_c   135.064
_cell.angle_alpha   90.000
_cell.angle_beta   90.000
_cell.angle_gamma   90.000
#
_symmetry.space_group_name_H-M   'P 41 21 2'
#
loop_
_entity.id
_entity.type
_entity.pdbx_description
1 polymer 'protein Rv0554, putative Bromoperoxidase'
2 non-polymer 'MALONIC ACID'
3 non-polymer 2-AMINO-2-HYDROXYMETHYL-PROPANE-1,3-DIOL
4 non-polymer 1,2-ETHANEDIOL
5 non-polymer 'SODIUM ION'
6 water water
#
_entity_poly.entity_id   1
_entity_poly.type   'polypeptide(L)'
_entity_poly.pdbx_seq_one_letter_code
;MSYYHHHHHHDYDIPTTENLYFQGAMDPEFRVINLAYDDNGTGDPVVFIAGRGGAGRTWHPHQVPAFLAAGYRCITFDNR
GIGATENAEGFTTQTMVADTAALIETLDIAPARVVGVSMGAFIAQELMVVAPELVSSAVLMATRGRLDRARQFFNKAEAE
LYDSGVQLPPTYDARARLLENFSRKTLNDDVAVGDWIAMFSMWPIKSTPGLRCQLDCAPQTNRLPAYRNIAAPVLVIGFA
DDVVTPPYLGREVADALPNGRYLQIPDAGHLGFFERPEAVNTAMLKFFASVKA
;
_entity_poly.pdbx_strand_id   A,B
#
loop_
_chem_comp.id
_chem_comp.type
_chem_comp.name
_chem_comp.formula
EDO non-polymer 1,2-ETHANEDIOL 'C2 H6 O2'
MLA non-polymer 'MALONIC ACID' 'C3 H4 O4'
NA non-polymer 'SODIUM ION' 'Na 1'
TRS non-polymer 2-AMINO-2-HYDROXYMETHYL-PROPANE-1,3-DIOL 'C4 H12 N O3 1'
#
# COMPACT_ATOMS: atom_id res chain seq x y z
N GLU A 18 37.86 9.83 8.72
CA GLU A 18 37.22 11.01 9.45
C GLU A 18 35.85 10.75 10.18
N ASN A 19 35.63 11.43 11.33
CA ASN A 19 34.36 11.30 12.10
C ASN A 19 33.86 12.65 12.61
N LEU A 20 33.01 13.26 11.84
CA LEU A 20 32.67 14.61 12.16
C LEU A 20 31.32 14.64 12.88
N TYR A 21 31.18 15.65 13.77
CA TYR A 21 29.99 15.94 14.58
C TYR A 21 29.85 17.41 14.58
N PHE A 22 28.61 17.86 14.74
CA PHE A 22 28.34 19.25 14.96
C PHE A 22 27.41 19.29 16.14
N GLN A 23 27.39 20.43 16.82
CA GLN A 23 26.52 20.62 17.96
C GLN A 23 25.06 20.86 17.55
N GLY A 24 24.14 19.98 17.95
CA GLY A 24 22.73 20.23 17.59
C GLY A 24 22.13 21.30 18.46
N ALA A 25 20.90 21.71 18.15
CA ALA A 25 20.19 22.73 18.93
C ALA A 25 19.91 22.22 20.36
N MET A 26 19.73 23.13 21.31
CA MET A 26 19.23 22.76 22.62
C MET A 26 17.77 22.30 22.49
N ASP A 27 17.44 21.15 23.11
CA ASP A 27 16.09 20.58 22.98
C ASP A 27 15.13 21.11 24.11
N PRO A 28 13.85 20.73 24.10
CA PRO A 28 12.92 21.32 25.04
C PRO A 28 13.12 20.85 26.45
N GLU A 29 13.99 19.88 26.64
CA GLU A 29 14.33 19.44 27.95
C GLU A 29 15.72 20.01 28.34
N PHE A 30 16.17 21.05 27.61
CA PHE A 30 17.35 21.81 27.96
C PHE A 30 18.67 21.05 27.82
N ARG A 31 18.66 20.02 27.00
CA ARG A 31 19.87 19.26 26.65
C ARG A 31 20.43 19.64 25.29
N VAL A 32 21.75 19.64 25.22
CA VAL A 32 22.46 19.86 23.97
C VAL A 32 23.19 18.57 23.57
N ILE A 33 22.88 17.98 22.41
CA ILE A 33 23.60 16.81 21.95
C ILE A 33 24.38 17.10 20.66
N ASN A 34 25.29 16.20 20.33
CA ASN A 34 26.03 16.22 19.09
C ASN A 34 25.39 15.26 18.08
N LEU A 35 25.51 15.61 16.80
CA LEU A 35 24.94 14.86 15.67
C LEU A 35 26.09 14.53 14.64
N ALA A 36 26.16 13.30 14.17
CA ALA A 36 27.22 12.93 13.22
C ALA A 36 26.91 13.45 11.81
N TYR A 37 27.94 13.89 11.12
CA TYR A 37 27.77 14.25 9.74
C TYR A 37 28.94 13.73 8.93
N ASP A 38 28.74 13.80 7.62
CA ASP A 38 29.69 13.41 6.62
C ASP A 38 29.84 14.62 5.63
N ASP A 39 31.02 14.85 5.09
CA ASP A 39 31.20 15.98 4.25
C ASP A 39 32.15 15.52 3.11
N ASN A 40 31.67 15.47 1.84
CA ASN A 40 32.56 14.98 0.77
C ASN A 40 32.53 15.97 -0.42
N GLY A 41 33.67 16.16 -1.09
CA GLY A 41 33.75 17.01 -2.26
C GLY A 41 34.11 18.44 -1.93
N THR A 42 34.34 19.25 -2.96
CA THR A 42 34.86 20.59 -2.75
C THR A 42 34.05 21.64 -3.45
N GLY A 43 33.11 21.18 -4.26
CA GLY A 43 32.27 22.05 -5.10
C GLY A 43 31.12 22.70 -4.38
N ASP A 44 30.03 22.95 -5.12
CA ASP A 44 28.91 23.76 -4.62
C ASP A 44 28.23 22.94 -3.50
N PRO A 45 28.04 23.53 -2.30
CA PRO A 45 27.54 22.67 -1.22
C PRO A 45 26.07 22.23 -1.31
N VAL A 46 25.80 20.95 -1.15
CA VAL A 46 24.42 20.51 -1.00
C VAL A 46 24.17 19.78 0.35
N VAL A 47 23.13 20.19 1.12
CA VAL A 47 22.79 19.51 2.34
C VAL A 47 21.62 18.56 2.08
N PHE A 48 21.80 17.25 2.37
CA PHE A 48 20.75 16.21 2.19
C PHE A 48 20.12 15.93 3.55
N ILE A 49 18.79 15.92 3.60
CA ILE A 49 18.07 15.65 4.84
C ILE A 49 17.21 14.40 4.57
N ALA A 50 17.53 13.31 5.22
CA ALA A 50 16.81 12.07 4.98
C ALA A 50 15.46 12.09 5.70
N GLY A 51 14.62 11.08 5.35
CA GLY A 51 13.30 10.92 5.98
C GLY A 51 13.34 10.16 7.30
N ARG A 52 12.19 10.03 7.93
CA ARG A 52 12.06 9.28 9.16
C ARG A 52 12.73 7.89 9.04
N GLY A 53 13.56 7.58 10.03
CA GLY A 53 14.29 6.34 10.16
C GLY A 53 15.55 6.27 9.27
N GLY A 54 15.79 7.27 8.43
CA GLY A 54 16.92 7.24 7.45
C GLY A 54 18.17 7.86 8.05
N ALA A 55 19.29 7.13 7.98
CA ALA A 55 20.59 7.71 8.39
C ALA A 55 21.11 8.52 7.21
N GLY A 56 22.09 9.41 7.41
CA GLY A 56 22.72 10.16 6.31
C GLY A 56 23.25 9.29 5.12
N ARG A 57 23.71 8.14 5.49
CA ARG A 57 24.26 7.07 4.59
C ARG A 57 23.24 6.61 3.56
N THR A 58 21.94 6.79 3.83
CA THR A 58 20.90 6.43 2.85
C THR A 58 21.10 7.19 1.54
N TRP A 59 21.84 8.32 1.56
CA TRP A 59 22.00 9.10 0.37
C TRP A 59 23.19 8.68 -0.49
N HIS A 60 24.11 7.95 0.12
CA HIS A 60 25.37 7.50 -0.51
C HIS A 60 25.26 6.44 -1.63
N PRO A 61 24.33 5.46 -1.58
CA PRO A 61 24.35 4.51 -2.70
C PRO A 61 23.93 5.15 -4.02
N HIS A 62 23.07 6.17 -4.01
CA HIS A 62 22.54 6.67 -5.28
C HIS A 62 22.66 8.14 -5.51
N GLN A 63 22.60 9.00 -4.49
CA GLN A 63 22.70 10.42 -4.72
C GLN A 63 24.12 10.92 -4.69
N VAL A 64 24.86 10.65 -3.61
CA VAL A 64 26.18 11.21 -3.45
C VAL A 64 27.16 10.94 -4.65
N PRO A 65 27.24 9.71 -5.19
CA PRO A 65 28.21 9.62 -6.34
C PRO A 65 27.89 10.56 -7.53
N ALA A 66 26.63 10.71 -7.85
CA ALA A 66 26.25 11.46 -8.98
C ALA A 66 26.45 12.98 -8.74
N PHE A 67 26.18 13.46 -7.52
CA PHE A 67 26.40 14.87 -7.22
C PHE A 67 27.89 15.20 -7.19
N LEU A 68 28.74 14.36 -6.57
CA LEU A 68 30.18 14.53 -6.63
C LEU A 68 30.72 14.56 -8.09
N ALA A 69 30.21 13.67 -8.92
CA ALA A 69 30.64 13.61 -10.32
C ALA A 69 30.25 14.90 -11.07
N ALA A 70 29.14 15.51 -10.62
CA ALA A 70 28.70 16.83 -11.11
C ALA A 70 29.35 18.04 -10.40
N GLY A 71 30.37 17.81 -9.59
CA GLY A 71 31.08 18.95 -8.94
C GLY A 71 30.31 19.62 -7.80
N TYR A 72 29.40 18.88 -7.18
CA TYR A 72 28.80 19.36 -5.91
C TYR A 72 29.52 18.75 -4.71
N ARG A 73 29.44 19.42 -3.56
CA ARG A 73 30.00 18.94 -2.33
C ARG A 73 28.75 18.43 -1.57
N CYS A 74 28.82 17.26 -0.95
CA CYS A 74 27.60 16.66 -0.31
C CYS A 74 27.77 16.58 1.17
N ILE A 75 26.82 17.17 1.89
CA ILE A 75 26.81 17.06 3.31
C ILE A 75 25.63 16.12 3.62
N THR A 76 25.91 14.98 4.26
CA THR A 76 24.86 14.13 4.78
C THR A 76 25.08 14.02 6.27
N PHE A 77 24.02 13.64 7.00
CA PHE A 77 24.11 13.57 8.41
C PHE A 77 23.02 12.72 9.02
N ASP A 78 23.25 12.32 10.25
CA ASP A 78 22.31 11.51 11.00
C ASP A 78 21.34 12.38 11.80
N ASN A 79 20.11 12.54 11.30
CA ASN A 79 19.05 13.23 12.03
C ASN A 79 18.98 12.84 13.50
N ARG A 80 18.58 13.78 14.33
CA ARG A 80 18.24 13.53 15.71
C ARG A 80 17.18 12.38 15.75
N GLY A 81 17.41 11.38 16.59
CA GLY A 81 16.62 10.16 16.63
C GLY A 81 17.21 8.97 15.89
N ILE A 82 18.37 9.16 15.25
CA ILE A 82 19.03 8.13 14.48
C ILE A 82 20.45 7.81 14.96
N GLY A 83 20.82 6.55 14.91
CA GLY A 83 22.21 6.18 15.06
C GLY A 83 22.59 6.48 16.46
N ALA A 84 23.55 7.36 16.66
CA ALA A 84 24.09 7.56 18.02
C ALA A 84 23.06 8.29 18.85
N THR A 85 22.04 8.94 18.25
CA THR A 85 21.02 9.61 19.12
C THR A 85 19.68 8.87 19.09
N GLU A 86 19.72 7.57 18.78
CA GLU A 86 18.49 6.82 18.55
C GLU A 86 17.59 6.83 19.73
N ASN A 87 18.17 7.06 20.91
CA ASN A 87 17.41 7.15 22.16
C ASN A 87 16.90 8.53 22.51
N ALA A 88 17.19 9.54 21.68
CA ALA A 88 16.65 10.88 21.89
C ALA A 88 15.12 10.89 21.82
N GLU A 89 14.48 11.65 22.69
CA GLU A 89 13.04 11.81 22.66
C GLU A 89 12.72 13.25 23.12
N GLY A 90 11.44 13.60 23.12
CA GLY A 90 11.03 14.91 23.56
C GLY A 90 11.48 16.06 22.62
N PHE A 91 11.73 15.81 21.33
CA PHE A 91 12.13 16.89 20.41
C PHE A 91 10.99 17.12 19.42
N THR A 92 11.04 18.17 18.60
CA THR A 92 9.91 18.53 17.79
C THR A 92 10.48 18.87 16.44
N THR A 93 9.60 19.20 15.49
CA THR A 93 10.02 19.69 14.21
C THR A 93 10.97 20.89 14.37
N GLN A 94 10.63 21.82 15.22
CA GLN A 94 11.47 23.00 15.47
C GLN A 94 12.87 22.61 15.95
N THR A 95 13.01 21.60 16.78
CA THR A 95 14.31 21.09 17.14
C THR A 95 15.08 20.66 15.91
N MET A 96 14.41 19.99 14.96
CA MET A 96 15.17 19.45 13.82
C MET A 96 15.49 20.55 12.83
N VAL A 97 14.58 21.52 12.72
CA VAL A 97 14.90 22.70 11.91
C VAL A 97 16.13 23.41 12.44
N ALA A 98 16.21 23.60 13.76
CA ALA A 98 17.31 24.34 14.38
C ALA A 98 18.60 23.51 14.23
N ASP A 99 18.51 22.15 14.31
CA ASP A 99 19.70 21.28 14.06
C ASP A 99 20.26 21.51 12.65
N THR A 100 19.36 21.69 11.71
CA THR A 100 19.76 21.71 10.33
C THR A 100 20.39 23.07 10.01
N ALA A 101 19.78 24.11 10.54
CA ALA A 101 20.39 25.48 10.64
C ALA A 101 21.78 25.41 11.28
N ALA A 102 21.91 24.72 12.40
CA ALA A 102 23.22 24.69 13.07
C ALA A 102 24.26 24.03 12.18
N LEU A 103 23.84 23.02 11.42
CA LEU A 103 24.76 22.32 10.52
C LEU A 103 25.23 23.31 9.46
N ILE A 104 24.29 23.99 8.82
CA ILE A 104 24.59 25.00 7.85
C ILE A 104 25.53 26.14 8.42
N GLU A 105 25.17 26.68 9.58
CA GLU A 105 25.97 27.77 10.17
C GLU A 105 27.34 27.27 10.60
N THR A 106 27.46 26.04 11.10
CA THR A 106 28.75 25.52 11.45
C THR A 106 29.70 25.37 10.27
N LEU A 107 29.17 25.01 9.10
CA LEU A 107 30.00 24.78 7.92
C LEU A 107 30.25 26.09 7.17
N ASP A 108 29.50 27.11 7.55
CA ASP A 108 29.57 28.39 6.96
C ASP A 108 29.25 28.33 5.45
N ILE A 109 28.15 27.65 5.11
CA ILE A 109 27.78 27.43 3.72
C ILE A 109 26.47 28.10 3.36
N ALA A 110 25.97 29.02 4.21
CA ALA A 110 24.72 29.80 3.93
C ALA A 110 24.97 30.77 2.80
N PRO A 111 24.04 30.88 1.84
CA PRO A 111 22.83 30.06 1.74
C PRO A 111 23.13 28.78 0.95
N ALA A 112 22.65 27.67 1.49
CA ALA A 112 22.97 26.34 0.93
C ALA A 112 21.81 25.75 0.10
N ARG A 113 22.19 24.89 -0.85
CA ARG A 113 21.21 24.07 -1.57
C ARG A 113 20.82 22.96 -0.67
N VAL A 114 19.53 22.64 -0.73
CA VAL A 114 19.04 21.58 0.14
C VAL A 114 18.31 20.53 -0.63
N VAL A 115 18.45 19.27 -0.22
CA VAL A 115 17.64 18.14 -0.79
C VAL A 115 16.98 17.43 0.41
N GLY A 116 15.63 17.41 0.52
CA GLY A 116 15.01 16.63 1.59
C GLY A 116 14.03 15.64 1.03
N VAL A 117 13.83 14.53 1.72
CA VAL A 117 12.77 13.56 1.33
C VAL A 117 11.85 13.29 2.50
N SER A 118 10.53 13.35 2.29
CA SER A 118 9.52 13.12 3.33
C SER A 118 9.79 13.93 4.57
N MET A 119 10.02 13.32 5.74
CA MET A 119 10.27 14.11 6.96
C MET A 119 11.38 15.18 6.73
N GLY A 120 12.42 14.79 6.00
CA GLY A 120 13.49 15.68 5.61
C GLY A 120 13.06 16.84 4.71
N ALA A 121 12.15 16.60 3.76
CA ALA A 121 11.51 17.68 2.99
C ALA A 121 10.67 18.61 3.86
N PHE A 122 10.04 18.04 4.88
CA PHE A 122 9.17 18.82 5.76
C PHE A 122 10.07 19.77 6.62
N ILE A 123 11.16 19.21 7.16
CA ILE A 123 12.18 19.98 7.84
C ILE A 123 12.75 21.13 6.90
N ALA A 124 13.17 20.79 5.69
CA ALA A 124 13.60 21.80 4.74
C ALA A 124 12.58 22.93 4.55
N GLN A 125 11.29 22.59 4.43
CA GLN A 125 10.22 23.55 4.25
C GLN A 125 10.13 24.50 5.42
N GLU A 126 10.04 23.93 6.60
CA GLU A 126 9.95 24.69 7.83
C GLU A 126 11.23 25.52 8.08
N LEU A 127 12.41 24.96 7.75
CA LEU A 127 13.64 25.75 7.76
C LEU A 127 13.51 26.94 6.80
N MET A 128 12.97 26.72 5.60
CA MET A 128 12.85 27.86 4.70
C MET A 128 11.91 28.94 5.24
N VAL A 129 10.92 28.55 6.04
CA VAL A 129 9.92 29.47 6.58
C VAL A 129 10.60 30.44 7.63
N VAL A 130 11.39 29.87 8.59
CA VAL A 130 11.93 30.68 9.67
C VAL A 130 13.35 31.21 9.32
N ALA A 131 14.08 30.59 8.40
CA ALA A 131 15.47 31.00 8.18
C ALA A 131 15.84 30.98 6.73
N PRO A 132 15.10 31.71 5.89
CA PRO A 132 15.26 31.66 4.47
C PRO A 132 16.65 31.98 3.97
N GLU A 133 17.41 32.81 4.70
CA GLU A 133 18.77 33.15 4.28
C GLU A 133 19.72 31.96 4.37
N LEU A 134 19.33 30.88 5.04
CA LEU A 134 20.23 29.70 5.11
C LEU A 134 20.12 28.78 3.89
N VAL A 135 19.09 29.00 3.06
CA VAL A 135 18.77 28.10 1.94
C VAL A 135 18.65 28.85 0.63
N SER A 136 19.48 28.55 -0.35
CA SER A 136 19.35 29.23 -1.64
C SER A 136 18.26 28.61 -2.52
N SER A 137 18.11 27.28 -2.45
CA SER A 137 17.20 26.54 -3.32
C SER A 137 17.02 25.15 -2.77
N ALA A 138 15.93 24.51 -3.14
CA ALA A 138 15.64 23.23 -2.56
C ALA A 138 14.96 22.26 -3.54
N VAL A 139 15.25 20.96 -3.33
CA VAL A 139 14.45 19.87 -3.92
C VAL A 139 13.79 19.22 -2.76
N LEU A 140 12.47 19.11 -2.86
CA LEU A 140 11.65 18.48 -1.87
C LEU A 140 11.00 17.22 -2.50
N MET A 141 11.36 16.02 -2.00
CA MET A 141 10.81 14.78 -2.56
C MET A 141 9.81 14.20 -1.62
N ALA A 142 8.71 13.69 -2.22
CA ALA A 142 7.80 12.85 -1.45
C ALA A 142 7.35 13.62 -0.18
N THR A 143 6.80 14.82 -0.43
CA THR A 143 6.48 15.69 0.67
C THR A 143 5.02 16.05 0.67
N ARG A 144 4.66 16.87 1.65
CA ARG A 144 3.30 17.38 1.86
C ARG A 144 3.42 18.60 2.78
N GLY A 145 2.36 19.41 2.86
CA GLY A 145 2.36 20.55 3.77
C GLY A 145 1.21 20.43 4.74
N ARG A 146 0.57 19.26 4.76
CA ARG A 146 -0.45 18.97 5.76
C ARG A 146 -0.65 17.46 5.71
N LEU A 147 -1.36 16.89 6.66
CA LEU A 147 -1.84 15.47 6.54
C LEU A 147 -3.34 15.43 6.20
N ASP A 148 -3.62 14.80 5.05
CA ASP A 148 -5.00 14.50 4.68
C ASP A 148 -5.55 13.45 5.68
N ARG A 149 -6.75 12.99 5.43
CA ARG A 149 -7.46 12.13 6.39
C ARG A 149 -6.68 10.79 6.43
N ALA A 150 -6.54 10.15 5.27
CA ALA A 150 -5.67 8.93 5.18
C ALA A 150 -4.27 9.05 5.86
N ARG A 151 -3.56 10.10 5.59
CA ARG A 151 -2.23 10.21 6.22
C ARG A 151 -2.19 10.51 7.73
N GLN A 152 -3.13 11.30 8.24
CA GLN A 152 -3.37 11.47 9.69
C GLN A 152 -3.60 10.16 10.41
N PHE A 153 -4.42 9.34 9.78
CA PHE A 153 -4.73 8.02 10.30
C PHE A 153 -3.49 7.09 10.27
N PHE A 154 -2.65 7.22 9.27
CA PHE A 154 -1.49 6.34 9.19
C PHE A 154 -0.49 6.69 10.30
N ASN A 155 -0.40 7.98 10.51
CA ASN A 155 0.41 8.49 11.58
C ASN A 155 -0.09 8.02 12.95
N LYS A 156 -1.38 8.06 13.15
CA LYS A 156 -1.94 7.56 14.40
C LYS A 156 -1.79 6.06 14.53
N ALA A 157 -1.96 5.32 13.44
CA ALA A 157 -1.72 3.88 13.52
C ALA A 157 -0.27 3.54 13.91
N GLU A 158 0.71 4.21 13.31
CA GLU A 158 2.08 3.93 13.69
C GLU A 158 2.37 4.25 15.13
N ALA A 159 1.82 5.36 15.60
CA ALA A 159 2.00 5.76 17.03
C ALA A 159 1.44 4.72 17.92
N GLU A 160 0.26 4.25 17.57
CA GLU A 160 -0.42 3.22 18.35
C GLU A 160 0.37 1.90 18.42
N LEU A 161 0.88 1.44 17.29
CA LEU A 161 1.68 0.23 17.25
C LEU A 161 2.82 0.36 18.22
N TYR A 162 3.57 1.46 18.12
CA TYR A 162 4.68 1.68 19.02
C TYR A 162 4.20 1.74 20.45
N ASP A 163 3.17 2.54 20.75
CA ASP A 163 2.87 2.79 22.15
C ASP A 163 2.29 1.56 22.79
N SER A 164 1.81 0.61 21.99
CA SER A 164 1.25 -0.66 22.50
C SER A 164 2.27 -1.69 22.95
N GLY A 165 3.55 -1.56 22.53
CA GLY A 165 4.56 -2.59 22.80
C GLY A 165 4.56 -3.78 21.84
N VAL A 166 3.62 -3.88 20.90
CA VAL A 166 3.52 -5.10 20.09
C VAL A 166 4.59 -5.14 19.00
N GLN A 167 5.30 -6.27 18.86
CA GLN A 167 6.35 -6.49 17.85
C GLN A 167 5.71 -7.14 16.61
N LEU A 168 5.87 -6.53 15.43
CA LEU A 168 5.43 -7.20 14.19
C LEU A 168 6.28 -8.43 13.89
N PRO A 169 5.63 -9.58 13.64
CA PRO A 169 6.39 -10.75 13.18
C PRO A 169 7.21 -10.37 11.92
N PRO A 170 8.40 -10.98 11.74
CA PRO A 170 9.41 -10.57 10.72
C PRO A 170 8.90 -10.67 9.28
N THR A 171 8.15 -11.71 8.95
CA THR A 171 7.70 -11.86 7.57
C THR A 171 6.59 -10.84 7.17
N TYR A 172 5.66 -10.64 8.11
CA TYR A 172 4.60 -9.67 7.99
C TYR A 172 5.24 -8.28 7.84
N ASP A 173 6.28 -8.03 8.62
CA ASP A 173 6.89 -6.74 8.68
C ASP A 173 7.56 -6.49 7.32
N ALA A 174 8.27 -7.48 6.79
CA ALA A 174 8.95 -7.29 5.52
C ALA A 174 7.89 -7.02 4.43
N ARG A 175 6.81 -7.78 4.47
CA ARG A 175 5.77 -7.60 3.45
C ARG A 175 5.21 -6.18 3.48
N ALA A 176 4.92 -5.69 4.68
CA ALA A 176 4.34 -4.33 4.76
C ALA A 176 5.36 -3.30 4.30
N ARG A 177 6.62 -3.48 4.64
CA ARG A 177 7.63 -2.54 4.20
C ARG A 177 7.71 -2.51 2.64
N LEU A 178 7.53 -3.69 2.05
CA LEU A 178 7.72 -3.78 0.62
C LEU A 178 6.55 -3.06 -0.04
N LEU A 179 5.35 -3.37 0.41
CA LEU A 179 4.12 -2.80 -0.19
C LEU A 179 4.00 -1.31 -0.05
N GLU A 180 4.45 -0.79 1.07
CA GLU A 180 4.36 0.63 1.33
C GLU A 180 5.35 1.49 0.59
N ASN A 181 6.46 0.89 0.08
CA ASN A 181 7.58 1.70 -0.37
C ASN A 181 7.93 1.58 -1.83
N PHE A 182 7.38 0.60 -2.54
CA PHE A 182 7.85 0.36 -3.86
C PHE A 182 6.71 0.45 -4.85
N SER A 183 7.01 0.76 -6.08
CA SER A 183 5.98 0.90 -7.11
C SER A 183 5.36 -0.44 -7.49
N ARG A 184 4.24 -0.37 -8.17
CA ARG A 184 3.60 -1.58 -8.77
C ARG A 184 4.51 -2.33 -9.69
N LYS A 185 5.18 -1.60 -10.54
CA LYS A 185 6.02 -2.27 -11.52
C LYS A 185 7.14 -3.07 -10.80
N THR A 186 7.69 -2.54 -9.71
CA THR A 186 8.63 -3.29 -8.89
C THR A 186 7.95 -4.47 -8.22
N LEU A 187 6.82 -4.22 -7.59
CA LEU A 187 6.14 -5.29 -6.92
C LEU A 187 5.76 -6.48 -7.84
N ASN A 188 5.53 -6.27 -9.13
CA ASN A 188 5.17 -7.36 -10.05
C ASN A 188 6.44 -8.06 -10.63
N ASP A 189 7.62 -7.59 -10.27
CA ASP A 189 8.83 -8.18 -10.81
C ASP A 189 9.44 -9.02 -9.71
N ASP A 190 9.22 -10.33 -9.81
CA ASP A 190 9.62 -11.26 -8.75
C ASP A 190 11.12 -11.17 -8.45
N VAL A 191 11.90 -10.95 -9.50
CA VAL A 191 13.34 -10.90 -9.29
C VAL A 191 13.70 -9.66 -8.44
N ALA A 192 13.18 -8.48 -8.83
CA ALA A 192 13.43 -7.20 -8.10
C ALA A 192 12.94 -7.30 -6.64
N VAL A 193 11.77 -7.92 -6.43
CA VAL A 193 11.25 -8.15 -5.08
C VAL A 193 12.26 -8.93 -4.21
N GLY A 194 12.78 -10.04 -4.71
CA GLY A 194 13.81 -10.78 -3.98
C GLY A 194 15.00 -9.87 -3.64
N ASP A 195 15.44 -9.03 -4.59
CA ASP A 195 16.54 -8.08 -4.34
C ASP A 195 16.27 -7.10 -3.19
N TRP A 196 15.10 -6.45 -3.22
CA TRP A 196 14.75 -5.46 -2.21
C TRP A 196 14.65 -6.10 -0.85
N ILE A 197 14.07 -7.29 -0.80
CA ILE A 197 13.83 -8.01 0.44
C ILE A 197 15.18 -8.40 1.08
N ALA A 198 16.14 -8.82 0.26
CA ALA A 198 17.47 -9.13 0.78
C ALA A 198 18.07 -7.81 1.27
N MET A 199 17.84 -6.73 0.54
CA MET A 199 18.37 -5.50 0.97
C MET A 199 17.74 -4.96 2.31
N PHE A 200 16.51 -5.33 2.64
CA PHE A 200 15.91 -4.94 3.90
C PHE A 200 16.76 -5.42 5.05
N SER A 201 17.36 -6.57 4.90
CA SER A 201 18.20 -7.09 5.92
C SER A 201 19.51 -6.38 6.07
N MET A 202 19.93 -5.66 5.06
CA MET A 202 21.09 -4.85 5.24
C MET A 202 20.72 -3.46 5.67
N TRP A 203 19.44 -3.11 5.66
CA TRP A 203 19.03 -1.78 6.15
C TRP A 203 17.92 -1.95 7.20
N PRO A 204 18.21 -2.64 8.35
CA PRO A 204 17.14 -2.83 9.34
C PRO A 204 16.60 -1.48 9.83
N ILE A 205 15.33 -1.40 10.16
CA ILE A 205 14.86 -0.15 10.70
C ILE A 205 14.56 -0.42 12.15
N LYS A 206 15.41 0.04 13.06
CA LYS A 206 15.21 -0.29 14.47
C LYS A 206 14.07 0.55 15.07
N SER A 207 13.22 -0.11 15.87
CA SER A 207 12.21 0.56 16.63
C SER A 207 12.81 1.23 17.87
N THR A 208 12.87 2.56 17.89
CA THR A 208 13.61 3.24 18.97
C THR A 208 12.78 4.41 19.47
N PRO A 209 13.14 5.01 20.61
CA PRO A 209 12.43 6.21 21.05
C PRO A 209 12.58 7.31 19.99
N GLY A 210 13.72 7.33 19.29
CA GLY A 210 13.95 8.34 18.26
C GLY A 210 13.06 8.22 17.04
N LEU A 211 12.93 7.00 16.56
CA LEU A 211 12.00 6.73 15.48
C LEU A 211 10.58 7.12 15.89
N ARG A 212 10.18 6.80 17.13
CA ARG A 212 8.83 7.20 17.63
C ARG A 212 8.66 8.70 17.65
N CYS A 213 9.67 9.40 18.17
CA CYS A 213 9.58 10.89 18.26
C CYS A 213 9.58 11.53 16.86
N GLN A 214 10.28 10.91 15.90
CA GLN A 214 10.27 11.43 14.49
C GLN A 214 8.91 11.38 13.84
N LEU A 215 8.04 10.46 14.30
CA LEU A 215 6.68 10.43 13.83
C LEU A 215 5.90 11.71 14.12
N ASP A 216 6.26 12.49 15.16
CA ASP A 216 5.52 13.81 15.36
C ASP A 216 6.15 14.99 14.69
N CYS A 217 7.25 14.74 13.98
CA CYS A 217 7.90 15.79 13.24
C CYS A 217 7.23 15.84 11.87
N ALA A 218 5.99 16.30 11.88
CA ALA A 218 5.15 16.23 10.67
C ALA A 218 4.10 17.35 10.79
N PRO A 219 3.47 17.74 9.71
CA PRO A 219 2.44 18.84 9.84
C PRO A 219 1.35 18.50 10.86
N GLN A 220 1.07 19.37 11.82
CA GLN A 220 -0.03 19.19 12.76
C GLN A 220 -1.18 20.07 12.34
N THR A 221 -0.93 20.94 11.36
CA THR A 221 -1.85 21.97 10.92
C THR A 221 -1.58 22.10 9.44
N ASN A 222 -2.39 22.87 8.75
CA ASN A 222 -2.12 23.11 7.36
C ASN A 222 -1.04 24.17 7.23
N ARG A 223 0.13 23.82 6.67
CA ARG A 223 1.32 24.69 6.64
C ARG A 223 1.42 25.38 5.29
N LEU A 224 0.61 24.94 4.34
CA LEU A 224 0.64 25.53 3.04
C LEU A 224 0.52 27.07 3.01
N PRO A 225 -0.31 27.68 3.87
CA PRO A 225 -0.33 29.17 3.74
C PRO A 225 1.05 29.82 4.04
N ALA A 226 1.76 29.28 5.03
CA ALA A 226 3.11 29.72 5.36
C ALA A 226 4.12 29.55 4.19
N TYR A 227 3.90 28.59 3.31
CA TYR A 227 4.89 28.28 2.26
C TYR A 227 4.76 29.30 1.11
N ARG A 228 3.65 30.00 1.13
CA ARG A 228 3.39 31.10 0.18
C ARG A 228 4.37 32.28 0.29
N ASN A 229 5.02 32.41 1.46
CA ASN A 229 6.05 33.43 1.65
C ASN A 229 7.45 33.02 1.37
N ILE A 230 7.69 31.77 0.97
CA ILE A 230 9.02 31.29 0.63
C ILE A 230 9.41 31.70 -0.76
N ALA A 231 10.43 32.54 -0.82
CA ALA A 231 10.87 33.06 -2.12
C ALA A 231 11.80 32.15 -2.93
N ALA A 232 12.58 31.32 -2.25
CA ALA A 232 13.63 30.59 -2.95
C ALA A 232 13.06 29.68 -4.05
N PRO A 233 13.85 29.42 -5.10
CA PRO A 233 13.33 28.43 -6.05
C PRO A 233 13.33 26.97 -5.52
N VAL A 234 12.26 26.23 -5.81
CA VAL A 234 12.07 24.91 -5.28
C VAL A 234 11.59 23.93 -6.38
N LEU A 235 12.19 22.75 -6.45
CA LEU A 235 11.61 21.60 -7.20
C LEU A 235 10.95 20.63 -6.24
N VAL A 236 9.65 20.35 -6.44
CA VAL A 236 8.94 19.37 -5.62
C VAL A 236 8.78 18.13 -6.53
N ILE A 237 9.22 16.95 -6.04
CA ILE A 237 9.15 15.70 -6.81
C ILE A 237 8.16 14.80 -6.17
N GLY A 238 7.16 14.34 -6.92
CA GLY A 238 6.17 13.40 -6.39
C GLY A 238 6.44 12.06 -7.04
N PHE A 239 6.18 10.99 -6.29
CA PHE A 239 6.43 9.66 -6.82
C PHE A 239 5.03 9.10 -7.12
N ALA A 240 4.81 8.67 -8.38
CA ALA A 240 3.44 8.36 -8.84
C ALA A 240 2.69 7.31 -8.02
N ASP A 241 3.43 6.32 -7.53
CA ASP A 241 2.82 5.21 -6.78
C ASP A 241 2.95 5.31 -5.25
N ASP A 242 3.43 6.46 -4.78
CA ASP A 242 3.67 6.66 -3.36
C ASP A 242 2.34 6.68 -2.57
N VAL A 243 2.10 5.74 -1.65
CA VAL A 243 0.92 5.82 -0.80
C VAL A 243 1.18 6.42 0.59
N VAL A 244 2.43 6.53 1.00
CA VAL A 244 2.72 7.10 2.32
C VAL A 244 2.67 8.65 2.19
N THR A 245 3.21 9.22 1.13
CA THR A 245 2.97 10.63 0.90
C THR A 245 2.56 10.75 -0.62
N PRO A 246 1.26 10.66 -0.87
CA PRO A 246 0.72 10.70 -2.22
C PRO A 246 1.10 11.92 -3.00
N PRO A 247 1.30 11.72 -4.28
CA PRO A 247 1.90 12.76 -5.04
C PRO A 247 1.06 14.09 -5.13
N TYR A 248 -0.27 14.03 -5.02
CA TYR A 248 -1.05 15.26 -5.00
C TYR A 248 -0.73 16.19 -3.81
N LEU A 249 -0.29 15.62 -2.68
CA LEU A 249 0.11 16.43 -1.57
C LEU A 249 1.41 17.21 -1.86
N GLY A 250 2.30 16.64 -2.67
CA GLY A 250 3.54 17.33 -3.05
C GLY A 250 3.16 18.47 -4.04
N ARG A 251 2.23 18.19 -4.97
CA ARG A 251 1.78 19.22 -5.92
CA ARG A 251 1.73 19.19 -5.95
C ARG A 251 1.13 20.41 -5.21
N GLU A 252 0.37 20.17 -4.14
CA GLU A 252 -0.13 21.29 -3.30
C GLU A 252 1.00 22.17 -2.73
N VAL A 253 2.11 21.55 -2.34
CA VAL A 253 3.26 22.31 -1.83
C VAL A 253 3.87 23.16 -2.95
N ALA A 254 4.07 22.55 -4.12
CA ALA A 254 4.57 23.28 -5.23
C ALA A 254 3.66 24.46 -5.58
N ASP A 255 2.35 24.25 -5.51
CA ASP A 255 1.39 25.27 -5.88
C ASP A 255 1.45 26.43 -4.88
N ALA A 256 1.69 26.12 -3.60
CA ALA A 256 1.81 27.09 -2.53
C ALA A 256 3.06 27.97 -2.73
N LEU A 257 4.17 27.37 -3.17
CA LEU A 257 5.47 28.03 -3.30
C LEU A 257 5.49 28.90 -4.53
N PRO A 258 5.75 30.23 -4.37
CA PRO A 258 5.68 31.10 -5.58
C PRO A 258 6.70 30.77 -6.62
N ASN A 259 7.87 30.28 -6.20
CA ASN A 259 8.85 29.84 -7.17
C ASN A 259 9.07 28.29 -7.14
N GLY A 260 8.03 27.57 -6.77
CA GLY A 260 8.07 26.11 -6.81
C GLY A 260 7.45 25.55 -8.10
N ARG A 261 7.92 24.36 -8.48
CA ARG A 261 7.54 23.68 -9.71
C ARG A 261 7.37 22.18 -9.32
N TYR A 262 6.44 21.49 -9.96
CA TYR A 262 6.15 20.11 -9.60
C TYR A 262 6.62 19.17 -10.69
N LEU A 263 7.20 18.06 -10.28
CA LEU A 263 7.57 17.03 -11.23
C LEU A 263 7.25 15.66 -10.64
N GLN A 264 6.59 14.81 -11.43
CA GLN A 264 6.17 13.49 -11.02
C GLN A 264 6.99 12.43 -11.72
N ILE A 265 7.49 11.45 -10.95
CA ILE A 265 8.31 10.33 -11.50
C ILE A 265 7.38 9.10 -11.64
N PRO A 266 7.19 8.59 -12.88
CA PRO A 266 6.24 7.44 -13.02
C PRO A 266 6.86 6.15 -12.45
N ASP A 267 6.05 5.18 -11.99
CA ASP A 267 6.59 3.86 -11.55
C ASP A 267 7.60 4.01 -10.38
N ALA A 268 7.29 4.93 -9.46
CA ALA A 268 8.11 5.17 -8.26
C ALA A 268 7.21 5.12 -7.03
N GLY A 269 7.60 4.29 -6.05
CA GLY A 269 6.94 4.28 -4.77
C GLY A 269 7.56 5.37 -3.87
N HIS A 270 7.24 5.27 -2.60
CA HIS A 270 7.67 6.18 -1.61
C HIS A 270 9.22 6.31 -1.52
N LEU A 271 9.92 5.22 -1.81
CA LEU A 271 11.39 5.26 -1.91
C LEU A 271 11.91 5.48 -3.35
N GLY A 272 11.29 6.44 -4.05
CA GLY A 272 11.52 6.67 -5.47
C GLY A 272 12.96 7.07 -5.78
N PHE A 273 13.64 7.73 -4.85
CA PHE A 273 15.03 8.23 -5.11
C PHE A 273 16.02 7.08 -5.05
N PHE A 274 15.58 6.01 -4.41
CA PHE A 274 16.37 4.81 -4.29
C PHE A 274 16.01 3.83 -5.39
N GLU A 275 14.73 3.86 -5.81
CA GLU A 275 14.16 2.88 -6.74
C GLU A 275 14.31 3.31 -8.19
N ARG A 276 14.20 4.63 -8.46
CA ARG A 276 14.47 5.18 -9.78
C ARG A 276 15.52 6.32 -9.67
N PRO A 277 16.76 5.97 -9.25
CA PRO A 277 17.76 7.01 -8.90
C PRO A 277 18.10 7.88 -10.18
N GLU A 278 18.23 7.24 -11.34
CA GLU A 278 18.65 8.00 -12.55
C GLU A 278 17.64 9.12 -12.92
N ALA A 279 16.37 8.80 -12.94
CA ALA A 279 15.37 9.79 -13.26
C ALA A 279 15.30 10.91 -12.20
N VAL A 280 15.31 10.51 -10.93
CA VAL A 280 15.34 11.49 -9.86
C VAL A 280 16.65 12.37 -9.91
N ASN A 281 17.82 11.74 -10.04
CA ASN A 281 19.09 12.47 -10.02
C ASN A 281 19.09 13.45 -11.20
N THR A 282 18.72 12.96 -12.37
CA THR A 282 18.73 13.79 -13.60
C THR A 282 17.89 15.05 -13.37
N ALA A 283 16.71 14.85 -12.80
CA ALA A 283 15.81 15.93 -12.62
C ALA A 283 16.40 16.96 -11.59
N MET A 284 17.00 16.45 -10.52
CA MET A 284 17.59 17.34 -9.54
C MET A 284 18.76 18.13 -10.11
N LEU A 285 19.65 17.49 -10.85
CA LEU A 285 20.81 18.19 -11.38
C LEU A 285 20.45 19.26 -12.41
N LYS A 286 19.43 18.95 -13.20
CA LYS A 286 18.87 19.85 -14.19
C LYS A 286 18.28 21.09 -13.49
N PHE A 287 17.49 20.88 -12.44
CA PHE A 287 17.00 21.97 -11.62
C PHE A 287 18.14 22.85 -10.99
N PHE A 288 19.15 22.22 -10.35
CA PHE A 288 20.19 22.98 -9.63
C PHE A 288 21.11 23.75 -10.60
N ALA A 289 21.25 23.30 -11.83
CA ALA A 289 22.13 23.99 -12.78
C ALA A 289 21.54 25.36 -13.19
N SER A 290 20.25 25.50 -13.01
CA SER A 290 19.48 26.68 -13.37
C SER A 290 18.93 27.60 -12.27
N VAL A 291 19.09 27.26 -11.02
CA VAL A 291 18.45 28.08 -10.00
C VAL A 291 18.98 29.48 -9.74
N LYS A 292 18.02 30.30 -9.33
CA LYS A 292 18.28 31.58 -8.77
C LYS A 292 17.92 32.61 -9.81
N ILE B 33 -22.94 -31.33 6.24
CA ILE B 33 -23.22 -30.09 7.07
C ILE B 33 -23.78 -28.93 6.23
N ASN B 34 -24.93 -28.43 6.67
CA ASN B 34 -25.57 -27.33 5.98
C ASN B 34 -24.78 -26.04 6.25
N LEU B 35 -24.77 -25.17 5.26
CA LEU B 35 -24.22 -23.86 5.45
C LEU B 35 -25.38 -22.87 5.34
N ALA B 36 -25.38 -21.84 6.19
CA ALA B 36 -26.35 -20.78 6.04
C ALA B 36 -26.28 -20.17 4.67
N TYR B 37 -27.45 -19.96 4.05
CA TYR B 37 -27.55 -19.29 2.81
C TYR B 37 -28.71 -18.28 2.85
N ASP B 38 -28.68 -17.34 1.92
CA ASP B 38 -29.78 -16.35 1.81
CA ASP B 38 -29.68 -16.31 1.78
C ASP B 38 -30.18 -16.50 0.35
N ASP B 39 -31.47 -16.69 0.09
CA ASP B 39 -32.00 -16.92 -1.26
C ASP B 39 -32.93 -15.79 -1.70
N ASN B 40 -32.70 -15.10 -2.81
CA ASN B 40 -33.53 -13.92 -3.15
C ASN B 40 -33.98 -13.98 -4.60
N GLY B 41 -35.24 -13.62 -4.85
CA GLY B 41 -35.80 -13.43 -6.18
C GLY B 41 -36.20 -14.71 -6.90
N THR B 42 -36.59 -14.61 -8.16
CA THR B 42 -36.88 -15.77 -8.97
C THR B 42 -36.25 -15.51 -10.30
N GLY B 43 -36.00 -16.59 -11.03
CA GLY B 43 -35.37 -16.42 -12.34
C GLY B 43 -34.07 -17.21 -12.39
N ASP B 44 -33.23 -16.89 -13.39
CA ASP B 44 -31.95 -17.57 -13.57
C ASP B 44 -31.12 -17.41 -12.28
N PRO B 45 -30.65 -18.52 -11.73
CA PRO B 45 -29.96 -18.45 -10.50
C PRO B 45 -28.49 -18.01 -10.63
N VAL B 46 -28.05 -17.16 -9.72
CA VAL B 46 -26.65 -16.76 -9.62
C VAL B 46 -26.20 -17.07 -8.20
N VAL B 47 -25.18 -17.93 -8.05
CA VAL B 47 -24.55 -18.21 -6.76
C VAL B 47 -23.26 -17.37 -6.55
N PHE B 48 -23.16 -16.67 -5.41
CA PHE B 48 -22.01 -15.76 -5.14
C PHE B 48 -21.15 -16.45 -4.13
N ILE B 49 -19.84 -16.51 -4.34
CA ILE B 49 -18.92 -17.15 -3.40
C ILE B 49 -17.87 -16.11 -2.94
N ALA B 50 -17.88 -15.78 -1.64
CA ALA B 50 -17.09 -14.68 -1.14
C ALA B 50 -15.65 -15.16 -0.96
N GLY B 51 -14.73 -14.20 -0.82
CA GLY B 51 -13.31 -14.47 -0.51
C GLY B 51 -13.04 -14.88 0.94
N ARG B 52 -11.78 -15.11 1.27
CA ARG B 52 -11.44 -15.49 2.65
C ARG B 52 -12.00 -14.44 3.63
N GLY B 53 -12.65 -14.88 4.71
CA GLY B 53 -13.19 -14.01 5.73
C GLY B 53 -14.54 -13.40 5.49
N GLY B 54 -15.08 -13.55 4.26
CA GLY B 54 -16.36 -12.88 3.85
C GLY B 54 -17.53 -13.82 4.09
N ALA B 55 -18.54 -13.32 4.81
CA ALA B 55 -19.81 -14.01 4.98
C ALA B 55 -20.59 -13.76 3.74
N GLY B 56 -21.69 -14.46 3.51
CA GLY B 56 -22.50 -14.20 2.29
C GLY B 56 -22.98 -12.76 2.23
N ARG B 57 -23.17 -12.17 3.41
CA ARG B 57 -23.52 -10.75 3.57
C ARG B 57 -22.68 -9.77 2.78
N THR B 58 -21.39 -10.06 2.56
CA THR B 58 -20.55 -9.22 1.70
C THR B 58 -21.18 -8.85 0.36
N TRP B 59 -22.04 -9.71 -0.20
CA TRP B 59 -22.65 -9.40 -1.52
C TRP B 59 -23.88 -8.49 -1.52
N HIS B 60 -24.43 -8.22 -0.33
CA HIS B 60 -25.75 -7.55 -0.29
C HIS B 60 -25.78 -6.04 -0.45
N PRO B 61 -24.75 -5.35 0.08
CA PRO B 61 -24.71 -3.90 -0.06
C PRO B 61 -24.62 -3.45 -1.52
N HIS B 62 -23.90 -4.16 -2.37
CA HIS B 62 -23.62 -3.63 -3.68
C HIS B 62 -23.96 -4.55 -4.88
N GLN B 63 -23.95 -5.87 -4.71
CA GLN B 63 -24.24 -6.79 -5.83
C GLN B 63 -25.70 -7.28 -5.89
N VAL B 64 -26.22 -7.87 -4.81
CA VAL B 64 -27.54 -8.51 -4.89
C VAL B 64 -28.65 -7.59 -5.46
N PRO B 65 -28.81 -6.33 -4.93
CA PRO B 65 -29.91 -5.52 -5.48
C PRO B 65 -29.86 -5.29 -6.96
N ALA B 66 -28.64 -5.05 -7.49
CA ALA B 66 -28.47 -4.84 -8.91
C ALA B 66 -28.82 -6.11 -9.71
N PHE B 67 -28.41 -7.27 -9.25
CA PHE B 67 -28.77 -8.49 -9.89
C PHE B 67 -30.30 -8.75 -9.72
N LEU B 68 -30.91 -8.43 -8.57
CA LEU B 68 -32.34 -8.65 -8.50
C LEU B 68 -33.04 -7.77 -9.48
N ALA B 69 -32.59 -6.53 -9.64
CA ALA B 69 -33.22 -5.57 -10.59
C ALA B 69 -33.08 -6.01 -12.09
N ALA B 70 -32.04 -6.75 -12.42
CA ALA B 70 -31.94 -7.26 -13.77
C ALA B 70 -32.68 -8.64 -13.93
N GLY B 71 -33.28 -9.18 -12.87
CA GLY B 71 -34.22 -10.32 -13.02
C GLY B 71 -33.65 -11.68 -12.55
N TYR B 72 -32.43 -11.70 -11.95
CA TYR B 72 -31.81 -12.95 -11.50
C TYR B 72 -32.28 -13.37 -10.11
N ARG B 73 -32.15 -14.65 -9.83
CA ARG B 73 -32.25 -15.11 -8.49
C ARG B 73 -30.84 -15.22 -7.94
N CYS B 74 -30.63 -14.67 -6.75
CA CYS B 74 -29.33 -14.63 -6.12
C CYS B 74 -29.25 -15.51 -4.90
N ILE B 75 -28.18 -16.31 -4.84
CA ILE B 75 -27.91 -17.10 -3.68
C ILE B 75 -26.55 -16.66 -3.08
N THR B 76 -26.54 -16.32 -1.79
CA THR B 76 -25.30 -16.04 -1.07
C THR B 76 -25.28 -16.98 0.12
N PHE B 77 -24.10 -17.22 0.67
CA PHE B 77 -23.99 -18.20 1.71
C PHE B 77 -22.69 -17.99 2.51
N ASP B 78 -22.60 -18.62 3.68
CA ASP B 78 -21.44 -18.56 4.55
C ASP B 78 -20.48 -19.74 4.27
N ASN B 79 -19.39 -19.46 3.58
CA ASN B 79 -18.36 -20.48 3.34
C ASN B 79 -17.99 -21.21 4.63
N ARG B 80 -17.51 -22.43 4.47
CA ARG B 80 -17.06 -23.15 5.64
C ARG B 80 -15.93 -22.33 6.24
N GLY B 81 -15.92 -22.16 7.55
CA GLY B 81 -14.90 -21.35 8.18
C GLY B 81 -15.42 -19.98 8.68
N ILE B 82 -16.65 -19.65 8.28
CA ILE B 82 -17.35 -18.41 8.59
C ILE B 82 -18.60 -18.60 9.46
N GLY B 83 -18.78 -17.72 10.46
CA GLY B 83 -20.04 -17.65 11.23
C GLY B 83 -20.25 -18.94 11.98
N ALA B 84 -21.38 -19.62 11.76
CA ALA B 84 -21.66 -20.91 12.42
C ALA B 84 -20.53 -21.95 12.25
N THR B 85 -19.67 -21.86 11.22
CA THR B 85 -18.57 -22.88 11.05
C THR B 85 -17.22 -22.28 11.32
N GLU B 86 -17.16 -21.24 12.16
CA GLU B 86 -15.91 -20.51 12.27
C GLU B 86 -14.86 -21.26 13.05
N ASN B 87 -15.25 -22.27 13.81
CA ASN B 87 -14.27 -23.14 14.43
C ASN B 87 -13.86 -24.37 13.58
N ALA B 88 -14.37 -24.51 12.36
CA ALA B 88 -14.00 -25.65 11.51
C ALA B 88 -12.52 -25.51 11.14
N GLU B 89 -11.77 -26.62 11.20
CA GLU B 89 -10.37 -26.61 10.73
C GLU B 89 -10.12 -27.92 10.06
N GLY B 90 -8.99 -28.03 9.37
CA GLY B 90 -8.68 -29.23 8.58
C GLY B 90 -9.47 -29.49 7.29
N PHE B 91 -10.31 -28.53 6.84
CA PHE B 91 -11.01 -28.67 5.59
C PHE B 91 -10.12 -28.16 4.44
N THR B 92 -10.47 -28.43 3.17
CA THR B 92 -9.57 -28.09 2.08
C THR B 92 -10.41 -27.48 0.98
N THR B 93 -9.74 -26.96 -0.03
CA THR B 93 -10.43 -26.51 -1.25
C THR B 93 -11.46 -27.51 -1.76
N GLN B 94 -11.08 -28.79 -1.82
CA GLN B 94 -11.98 -29.84 -2.29
C GLN B 94 -13.27 -29.89 -1.41
N THR B 95 -13.11 -29.80 -0.08
CA THR B 95 -14.24 -29.75 0.88
C THR B 95 -15.17 -28.58 0.52
N MET B 96 -14.57 -27.41 0.29
CA MET B 96 -15.30 -26.21 -0.01
C MET B 96 -15.97 -26.28 -1.38
N VAL B 97 -15.31 -26.90 -2.35
CA VAL B 97 -15.88 -27.13 -3.65
C VAL B 97 -17.11 -28.06 -3.50
N ALA B 98 -16.97 -29.08 -2.67
CA ALA B 98 -18.09 -30.01 -2.43
C ALA B 98 -19.25 -29.25 -1.74
N ASP B 99 -18.92 -28.36 -0.78
CA ASP B 99 -19.95 -27.58 -0.07
C ASP B 99 -20.72 -26.78 -1.11
N THR B 100 -20.01 -26.23 -2.09
CA THR B 100 -20.65 -25.35 -3.06
C THR B 100 -21.55 -26.15 -4.01
N ALA B 101 -21.01 -27.29 -4.48
CA ALA B 101 -21.76 -28.24 -5.35
C ALA B 101 -23.02 -28.70 -4.63
N ALA B 102 -22.89 -29.06 -3.34
CA ALA B 102 -24.02 -29.55 -2.55
C ALA B 102 -25.07 -28.50 -2.46
N LEU B 103 -24.67 -27.21 -2.31
CA LEU B 103 -25.64 -26.10 -2.24
C LEU B 103 -26.45 -25.99 -3.54
N ILE B 104 -25.73 -26.05 -4.67
CA ILE B 104 -26.33 -25.96 -5.99
C ILE B 104 -27.28 -27.14 -6.16
N GLU B 105 -26.87 -28.34 -5.72
CA GLU B 105 -27.73 -29.54 -5.80
C GLU B 105 -28.91 -29.46 -4.86
N THR B 106 -28.66 -29.20 -3.57
CA THR B 106 -29.75 -29.05 -2.62
C THR B 106 -30.82 -28.04 -3.09
N LEU B 107 -30.44 -26.92 -3.71
CA LEU B 107 -31.45 -25.97 -4.25
C LEU B 107 -31.98 -26.30 -5.65
N ASP B 108 -31.49 -27.38 -6.28
CA ASP B 108 -31.96 -27.79 -7.62
C ASP B 108 -31.83 -26.63 -8.62
N ILE B 109 -30.64 -26.04 -8.67
CA ILE B 109 -30.35 -24.90 -9.54
C ILE B 109 -29.18 -25.19 -10.49
N ALA B 110 -28.85 -26.48 -10.67
CA ALA B 110 -27.85 -26.88 -11.67
C ALA B 110 -28.39 -26.73 -13.10
N PRO B 111 -27.64 -26.08 -14.02
CA PRO B 111 -26.41 -25.34 -13.79
C PRO B 111 -26.72 -23.90 -13.42
N ALA B 112 -25.91 -23.38 -12.51
CA ALA B 112 -26.10 -21.99 -12.05
C ALA B 112 -25.01 -21.10 -12.66
N ARG B 113 -25.32 -19.82 -12.77
CA ARG B 113 -24.29 -18.81 -12.97
C ARG B 113 -23.52 -18.66 -11.64
N VAL B 114 -22.21 -18.43 -11.70
CA VAL B 114 -21.41 -18.30 -10.46
C VAL B 114 -20.59 -17.01 -10.49
N VAL B 115 -20.55 -16.30 -9.36
CA VAL B 115 -19.72 -15.11 -9.21
C VAL B 115 -18.81 -15.35 -8.00
N GLY B 116 -17.50 -15.32 -8.22
CA GLY B 116 -16.55 -15.59 -7.13
C GLY B 116 -15.51 -14.49 -7.05
N VAL B 117 -15.04 -14.19 -5.83
CA VAL B 117 -13.90 -13.27 -5.70
C VAL B 117 -12.80 -13.95 -4.88
N SER B 118 -11.54 -13.84 -5.35
CA SER B 118 -10.34 -14.42 -4.67
CA SER B 118 -10.38 -14.40 -4.62
C SER B 118 -10.56 -15.87 -4.27
N MET B 119 -10.48 -16.23 -2.97
CA MET B 119 -10.75 -17.62 -2.55
C MET B 119 -12.03 -18.14 -3.24
N GLY B 120 -13.09 -17.29 -3.32
CA GLY B 120 -14.34 -17.68 -4.03
C GLY B 120 -14.19 -17.98 -5.54
N ALA B 121 -13.32 -17.22 -6.22
CA ALA B 121 -13.01 -17.47 -7.63
C ALA B 121 -12.22 -18.74 -7.74
N PHE B 122 -11.38 -18.98 -6.76
CA PHE B 122 -10.61 -20.19 -6.81
C PHE B 122 -11.59 -21.36 -6.59
N ILE B 123 -12.50 -21.26 -5.62
CA ILE B 123 -13.54 -22.30 -5.46
C ILE B 123 -14.33 -22.52 -6.73
N ALA B 124 -14.76 -21.44 -7.39
CA ALA B 124 -15.51 -21.59 -8.62
C ALA B 124 -14.67 -22.33 -9.64
N GLN B 125 -13.42 -21.91 -9.78
CA GLN B 125 -12.52 -22.48 -10.78
C GLN B 125 -12.38 -23.96 -10.63
N GLU B 126 -12.16 -24.39 -9.39
CA GLU B 126 -12.01 -25.80 -9.07
C GLU B 126 -13.30 -26.58 -9.21
N LEU B 127 -14.43 -25.88 -9.01
CA LEU B 127 -15.77 -26.47 -9.18
C LEU B 127 -15.95 -26.77 -10.65
N MET B 128 -15.56 -25.84 -11.51
CA MET B 128 -15.74 -26.06 -12.92
C MET B 128 -14.82 -27.19 -13.40
N VAL B 129 -13.66 -27.36 -12.74
CA VAL B 129 -12.79 -28.48 -13.05
C VAL B 129 -13.46 -29.85 -12.79
N VAL B 130 -14.07 -30.08 -11.61
CA VAL B 130 -14.65 -31.41 -11.29
C VAL B 130 -16.13 -31.60 -11.62
N ALA B 131 -16.89 -30.51 -11.73
CA ALA B 131 -18.32 -30.65 -11.99
C ALA B 131 -18.78 -29.57 -12.93
N PRO B 132 -18.24 -29.58 -14.17
CA PRO B 132 -18.54 -28.45 -15.10
C PRO B 132 -20.02 -28.34 -15.32
N GLU B 133 -20.74 -29.43 -15.02
CA GLU B 133 -22.18 -29.55 -15.30
C GLU B 133 -23.02 -28.71 -14.33
N LEU B 134 -22.43 -28.27 -13.23
CA LEU B 134 -23.19 -27.45 -12.29
C LEU B 134 -23.11 -25.97 -12.60
N VAL B 135 -22.33 -25.58 -13.60
CA VAL B 135 -22.09 -24.14 -13.79
C VAL B 135 -22.24 -23.74 -15.22
N SER B 136 -23.15 -22.81 -15.53
CA SER B 136 -23.31 -22.44 -16.92
C SER B 136 -22.30 -21.39 -17.39
N SER B 137 -22.00 -20.42 -16.53
CA SER B 137 -21.02 -19.36 -16.81
C SER B 137 -20.62 -18.74 -15.49
N ALA B 138 -19.51 -18.01 -15.48
CA ALA B 138 -19.00 -17.53 -14.22
C ALA B 138 -18.32 -16.21 -14.42
N VAL B 139 -18.31 -15.41 -13.36
CA VAL B 139 -17.42 -14.27 -13.29
C VAL B 139 -16.44 -14.57 -12.17
N LEU B 140 -15.13 -14.38 -12.42
CA LEU B 140 -14.05 -14.67 -11.44
C LEU B 140 -13.35 -13.36 -11.22
N MET B 141 -13.48 -12.81 -10.01
CA MET B 141 -12.85 -11.49 -9.66
C MET B 141 -11.60 -11.72 -8.85
N ALA B 142 -10.50 -11.00 -9.16
CA ALA B 142 -9.25 -10.97 -8.31
C ALA B 142 -8.75 -12.35 -8.10
N THR B 143 -8.47 -13.04 -9.21
CA THR B 143 -8.19 -14.47 -9.09
C THR B 143 -6.80 -14.78 -9.63
N ARG B 144 -6.39 -16.03 -9.46
CA ARG B 144 -5.08 -16.48 -9.86
C ARG B 144 -5.24 -17.96 -10.12
N GLY B 145 -4.30 -18.56 -10.89
CA GLY B 145 -4.35 -19.97 -11.21
C GLY B 145 -3.16 -20.78 -10.77
N ARG B 146 -2.29 -20.17 -9.98
CA ARG B 146 -1.07 -20.87 -9.53
C ARG B 146 -0.61 -20.29 -8.23
N LEU B 147 0.39 -20.92 -7.62
CA LEU B 147 0.97 -20.47 -6.36
C LEU B 147 2.13 -19.52 -6.66
N ASP B 148 1.79 -18.28 -7.05
CA ASP B 148 2.79 -17.29 -7.45
C ASP B 148 3.46 -16.72 -6.19
N ARG B 149 4.47 -15.87 -6.41
CA ARG B 149 5.23 -15.32 -5.32
C ARG B 149 4.42 -14.43 -4.44
N ALA B 150 3.59 -13.55 -5.00
CA ALA B 150 2.83 -12.63 -4.17
C ALA B 150 1.99 -13.41 -3.17
N ARG B 151 1.43 -14.53 -3.64
CA ARG B 151 0.57 -15.37 -2.86
C ARG B 151 1.36 -16.09 -1.78
N GLN B 152 2.56 -16.55 -2.12
CA GLN B 152 3.47 -17.15 -1.16
C GLN B 152 3.80 -16.18 0.00
N PHE B 153 4.03 -14.90 -0.34
CA PHE B 153 4.44 -13.91 0.64
C PHE B 153 3.26 -13.63 1.58
N PHE B 154 2.07 -13.57 0.97
CA PHE B 154 0.82 -13.41 1.68
C PHE B 154 0.56 -14.60 2.57
N ASN B 155 0.66 -15.83 2.03
CA ASN B 155 0.52 -17.03 2.89
C ASN B 155 1.39 -17.02 4.12
N LYS B 156 2.68 -16.73 3.93
CA LYS B 156 3.63 -16.72 5.01
C LYS B 156 3.37 -15.62 6.01
N ALA B 157 3.14 -14.40 5.54
CA ALA B 157 2.91 -13.32 6.47
C ALA B 157 1.67 -13.58 7.31
N GLU B 158 0.54 -13.94 6.67
CA GLU B 158 -0.70 -14.29 7.39
C GLU B 158 -0.57 -15.49 8.34
N ALA B 159 0.06 -16.56 7.89
CA ALA B 159 0.23 -17.73 8.80
C ALA B 159 1.06 -17.33 10.02
N GLU B 160 2.03 -16.45 9.78
CA GLU B 160 2.96 -16.06 10.83
C GLU B 160 2.25 -15.23 11.86
N LEU B 161 1.48 -14.28 11.34
CA LEU B 161 0.66 -13.43 12.19
C LEU B 161 -0.19 -14.30 13.12
N TYR B 162 -0.84 -15.34 12.57
CA TYR B 162 -1.71 -16.24 13.34
C TYR B 162 -0.91 -16.99 14.36
N ASP B 163 0.20 -17.59 13.95
CA ASP B 163 0.97 -18.45 14.83
C ASP B 163 1.65 -17.72 15.92
N SER B 164 2.02 -16.47 15.71
CA SER B 164 2.56 -15.64 16.80
C SER B 164 1.54 -15.24 17.91
N GLY B 165 0.24 -15.41 17.66
CA GLY B 165 -0.77 -14.90 18.62
C GLY B 165 -0.78 -13.39 18.82
N VAL B 166 -0.04 -12.66 17.98
CA VAL B 166 0.05 -11.20 18.13
C VAL B 166 -1.28 -10.57 17.74
N GLN B 167 -1.78 -9.62 18.54
CA GLN B 167 -2.95 -8.79 18.12
C GLN B 167 -2.47 -7.47 17.60
N LEU B 168 -2.79 -7.14 16.36
CA LEU B 168 -2.59 -5.80 15.84
C LEU B 168 -3.51 -4.82 16.52
N PRO B 169 -2.96 -3.73 17.07
CA PRO B 169 -3.85 -2.68 17.54
C PRO B 169 -4.87 -2.24 16.46
N PRO B 170 -6.06 -1.83 16.85
CA PRO B 170 -7.16 -1.51 15.92
C PRO B 170 -6.87 -0.51 14.77
N THR B 171 -6.42 0.70 15.10
CA THR B 171 -6.02 1.68 14.06
C THR B 171 -4.96 1.10 13.13
N TYR B 172 -3.98 0.34 13.66
CA TYR B 172 -2.95 -0.31 12.81
C TYR B 172 -3.56 -1.40 11.89
N ASP B 173 -4.43 -2.24 12.45
CA ASP B 173 -5.23 -3.21 11.65
C ASP B 173 -6.07 -2.48 10.55
N ALA B 174 -6.86 -1.47 10.93
CA ALA B 174 -7.59 -0.64 9.95
C ALA B 174 -6.70 0.00 8.85
N ARG B 175 -5.56 0.53 9.24
CA ARG B 175 -4.65 1.08 8.22
C ARG B 175 -4.18 -0.02 7.25
N ALA B 176 -3.80 -1.19 7.76
CA ALA B 176 -3.45 -2.27 6.81
C ALA B 176 -4.60 -2.64 5.90
N ARG B 177 -5.79 -2.72 6.43
CA ARG B 177 -6.93 -3.05 5.57
C ARG B 177 -7.14 -2.00 4.51
N LEU B 178 -7.01 -0.74 4.90
CA LEU B 178 -7.09 0.34 3.88
C LEU B 178 -6.08 0.20 2.78
N LEU B 179 -4.82 -0.03 3.17
CA LEU B 179 -3.71 -0.06 2.22
C LEU B 179 -3.79 -1.25 1.34
N GLU B 180 -4.31 -2.36 1.84
CA GLU B 180 -4.38 -3.57 1.03
C GLU B 180 -5.57 -3.73 0.13
N ASN B 181 -6.66 -3.01 0.40
CA ASN B 181 -7.91 -3.25 -0.32
C ASN B 181 -8.38 -2.16 -1.25
N PHE B 182 -7.84 -0.96 -1.09
CA PHE B 182 -8.34 0.18 -1.86
C PHE B 182 -7.39 0.79 -2.81
N SER B 183 -7.93 1.45 -3.82
CA SER B 183 -7.05 2.03 -4.81
C SER B 183 -6.41 3.33 -4.22
N ARG B 184 -5.34 3.76 -4.86
CA ARG B 184 -4.78 5.14 -4.65
C ARG B 184 -5.83 6.26 -4.60
N LYS B 185 -6.71 6.25 -5.62
CA LYS B 185 -7.69 7.31 -5.80
C LYS B 185 -8.64 7.32 -4.63
N THR B 186 -8.87 6.16 -4.04
CA THR B 186 -9.77 6.18 -2.90
C THR B 186 -9.06 6.79 -1.66
N LEU B 187 -7.74 6.55 -1.53
CA LEU B 187 -7.10 6.98 -0.26
C LEU B 187 -7.04 8.51 -0.23
N ASN B 188 -7.04 9.12 -1.43
CA ASN B 188 -7.03 10.57 -1.65
C ASN B 188 -8.33 11.27 -1.30
N ASP B 189 -9.37 10.50 -0.99
CA ASP B 189 -10.71 11.10 -0.87
C ASP B 189 -11.20 11.01 0.63
N ASP B 190 -10.93 12.13 1.31
CA ASP B 190 -11.10 12.25 2.74
C ASP B 190 -12.52 11.77 3.21
N VAL B 191 -13.55 12.01 2.40
CA VAL B 191 -14.91 11.57 2.78
C VAL B 191 -15.01 10.01 2.78
N ALA B 192 -14.49 9.44 1.67
CA ALA B 192 -14.55 7.99 1.40
C ALA B 192 -13.80 7.24 2.55
N VAL B 193 -12.52 7.62 2.74
CA VAL B 193 -11.68 7.14 3.84
C VAL B 193 -12.40 7.17 5.20
N GLY B 194 -13.00 8.26 5.55
CA GLY B 194 -13.80 8.26 6.78
C GLY B 194 -14.91 7.21 6.67
N ASP B 195 -15.56 7.06 5.51
CA ASP B 195 -16.46 5.89 5.42
C ASP B 195 -15.74 4.56 5.50
N TRP B 196 -14.65 4.37 4.76
CA TRP B 196 -14.05 3.04 4.87
C TRP B 196 -13.71 2.66 6.31
N ILE B 197 -13.28 3.67 7.09
CA ILE B 197 -12.87 3.45 8.46
C ILE B 197 -14.11 3.20 9.32
N ALA B 198 -15.14 4.03 9.18
CA ALA B 198 -16.44 3.64 9.74
C ALA B 198 -16.83 2.20 9.31
N MET B 199 -16.71 1.89 8.02
CA MET B 199 -17.13 0.58 7.47
C MET B 199 -16.44 -0.56 8.17
N PHE B 200 -15.16 -0.39 8.50
CA PHE B 200 -14.41 -1.41 9.26
C PHE B 200 -14.96 -1.83 10.62
N SER B 201 -15.60 -0.90 11.32
CA SER B 201 -16.22 -1.24 12.62
C SER B 201 -17.52 -2.01 12.40
N MET B 202 -18.13 -1.77 11.25
CA MET B 202 -19.36 -2.51 10.91
C MET B 202 -19.11 -3.90 10.30
N TRP B 203 -17.87 -4.11 9.85
CA TRP B 203 -17.37 -5.34 9.28
C TRP B 203 -16.15 -5.91 10.08
N PRO B 204 -16.35 -6.26 11.37
CA PRO B 204 -15.18 -6.90 12.04
C PRO B 204 -14.81 -8.27 11.45
N ILE B 205 -13.49 -8.59 11.39
CA ILE B 205 -12.99 -9.91 10.90
C ILE B 205 -12.23 -10.59 12.01
N LYS B 206 -12.81 -11.61 12.57
CA LYS B 206 -12.28 -12.18 13.76
C LYS B 206 -11.22 -13.25 13.40
N SER B 207 -10.12 -13.29 14.12
CA SER B 207 -9.10 -14.29 13.83
C SER B 207 -9.59 -15.59 14.44
N THR B 208 -10.01 -16.53 13.59
CA THR B 208 -10.61 -17.80 13.99
C THR B 208 -9.86 -18.97 13.38
N PRO B 209 -10.12 -20.21 13.91
CA PRO B 209 -9.52 -21.37 13.28
C PRO B 209 -9.97 -21.49 11.81
N GLY B 210 -11.23 -21.15 11.54
CA GLY B 210 -11.79 -21.12 10.22
C GLY B 210 -11.11 -20.17 9.24
N LEU B 211 -10.83 -18.94 9.67
CA LEU B 211 -10.11 -17.98 8.87
C LEU B 211 -8.69 -18.48 8.55
N ARG B 212 -8.07 -19.14 9.52
CA ARG B 212 -6.72 -19.68 9.33
C ARG B 212 -6.68 -20.78 8.28
N CYS B 213 -7.65 -21.69 8.37
CA CYS B 213 -7.74 -22.80 7.48
C CYS B 213 -8.13 -22.31 6.06
N GLN B 214 -8.94 -21.24 5.99
CA GLN B 214 -9.26 -20.71 4.67
C GLN B 214 -8.01 -20.23 3.94
N LEU B 215 -6.99 -19.85 4.71
CA LEU B 215 -5.73 -19.41 4.14
C LEU B 215 -5.09 -20.48 3.19
N ASP B 216 -5.31 -21.75 3.50
CA ASP B 216 -4.79 -22.91 2.75
C ASP B 216 -5.63 -23.20 1.52
N CYS B 217 -6.85 -22.64 1.46
CA CYS B 217 -7.73 -22.86 0.30
C CYS B 217 -7.32 -21.92 -0.84
N ALA B 218 -6.16 -22.21 -1.40
CA ALA B 218 -5.62 -21.39 -2.46
C ALA B 218 -4.81 -22.35 -3.31
N PRO B 219 -4.41 -21.94 -4.51
CA PRO B 219 -3.62 -22.85 -5.39
C PRO B 219 -2.33 -23.23 -4.70
N GLN B 220 -1.94 -24.49 -4.72
CA GLN B 220 -0.62 -24.93 -4.23
C GLN B 220 0.23 -25.42 -5.34
N THR B 221 -0.38 -25.53 -6.52
CA THR B 221 0.35 -25.96 -7.72
C THR B 221 -0.11 -25.08 -8.92
N ASN B 222 0.40 -25.36 -10.11
CA ASN B 222 0.04 -24.64 -11.34
C ASN B 222 -1.28 -25.26 -11.80
N ARG B 223 -2.39 -24.53 -11.68
CA ARG B 223 -3.69 -25.08 -12.08
C ARG B 223 -4.08 -24.60 -13.47
N LEU B 224 -3.30 -23.71 -14.06
CA LEU B 224 -3.63 -23.30 -15.42
C LEU B 224 -3.90 -24.47 -16.40
N PRO B 225 -3.04 -25.54 -16.41
CA PRO B 225 -3.33 -26.66 -17.38
C PRO B 225 -4.66 -27.35 -17.18
N ALA B 226 -5.09 -27.52 -15.93
CA ALA B 226 -6.44 -28.05 -15.63
C ALA B 226 -7.55 -27.08 -16.08
N TYR B 227 -7.29 -25.77 -16.12
CA TYR B 227 -8.32 -24.81 -16.55
C TYR B 227 -8.53 -24.78 -18.07
N ARG B 228 -7.47 -25.17 -18.81
CA ARG B 228 -7.55 -25.38 -20.25
C ARG B 228 -8.70 -26.30 -20.66
N ASN B 229 -9.16 -27.17 -19.76
CA ASN B 229 -10.31 -28.04 -20.09
C ASN B 229 -11.71 -27.48 -19.72
N ILE B 230 -11.84 -26.23 -19.26
CA ILE B 230 -13.17 -25.72 -18.87
C ILE B 230 -13.87 -25.07 -20.06
N ALA B 231 -15.00 -25.66 -20.47
CA ALA B 231 -15.76 -25.13 -21.63
C ALA B 231 -16.57 -23.84 -21.41
N ALA B 232 -17.11 -23.68 -20.21
CA ALA B 232 -18.07 -22.62 -19.90
C ALA B 232 -17.57 -21.25 -20.26
N PRO B 233 -18.46 -20.37 -20.75
CA PRO B 233 -18.03 -18.96 -20.81
C PRO B 233 -17.62 -18.38 -19.44
N VAL B 234 -16.57 -17.52 -19.41
CA VAL B 234 -16.03 -16.99 -18.16
C VAL B 234 -15.49 -15.59 -18.34
N LEU B 235 -16.00 -14.67 -17.53
CA LEU B 235 -15.38 -13.35 -17.42
C LEU B 235 -14.46 -13.31 -16.21
N VAL B 236 -13.16 -12.98 -16.39
CA VAL B 236 -12.19 -12.71 -15.30
C VAL B 236 -12.07 -11.23 -15.19
N ILE B 237 -12.29 -10.71 -13.98
CA ILE B 237 -12.14 -9.26 -13.74
C ILE B 237 -10.88 -9.04 -12.86
N GLY B 238 -9.98 -8.15 -13.30
CA GLY B 238 -8.78 -7.82 -12.58
C GLY B 238 -8.99 -6.42 -12.11
N PHE B 239 -8.55 -6.17 -10.88
CA PHE B 239 -8.67 -4.82 -10.39
C PHE B 239 -7.24 -4.13 -10.48
N ALA B 240 -7.18 -2.92 -11.06
CA ALA B 240 -5.89 -2.28 -11.51
C ALA B 240 -4.88 -2.04 -10.35
N ASP B 241 -5.37 -1.61 -9.21
CA ASP B 241 -4.52 -1.37 -8.06
C ASP B 241 -4.47 -2.55 -7.10
N ASP B 242 -4.90 -3.75 -7.51
CA ASP B 242 -4.97 -4.88 -6.54
C ASP B 242 -3.56 -5.32 -6.16
N VAL B 243 -3.18 -5.22 -4.89
CA VAL B 243 -1.89 -5.74 -4.44
C VAL B 243 -1.90 -7.11 -3.84
N VAL B 244 -3.08 -7.62 -3.48
CA VAL B 244 -3.17 -8.94 -2.92
C VAL B 244 -3.22 -10.02 -4.03
N THR B 245 -3.94 -9.73 -5.13
CA THR B 245 -4.01 -10.62 -6.28
C THR B 245 -3.86 -9.73 -7.49
N PRO B 246 -2.61 -9.46 -7.90
CA PRO B 246 -2.36 -8.46 -8.94
C PRO B 246 -3.04 -8.89 -10.23
N PRO B 247 -3.53 -7.93 -10.98
CA PRO B 247 -4.38 -8.03 -12.15
C PRO B 247 -3.81 -9.01 -13.15
N TYR B 248 -2.50 -8.93 -13.36
CA TYR B 248 -1.89 -9.75 -14.38
C TYR B 248 -2.13 -11.25 -14.12
N LEU B 249 -2.34 -11.65 -12.87
CA LEU B 249 -2.61 -13.08 -12.52
C LEU B 249 -4.00 -13.54 -13.00
N GLY B 250 -4.95 -12.60 -13.02
CA GLY B 250 -6.27 -12.97 -13.58
C GLY B 250 -6.15 -13.13 -15.11
N ARG B 251 -5.28 -12.33 -15.73
CA ARG B 251 -5.08 -12.45 -17.20
C ARG B 251 -4.51 -13.81 -17.46
N GLU B 252 -3.68 -14.38 -16.57
CA GLU B 252 -3.21 -15.72 -16.86
C GLU B 252 -4.33 -16.75 -16.79
N VAL B 253 -5.33 -16.53 -15.89
CA VAL B 253 -6.50 -17.47 -15.81
C VAL B 253 -7.42 -17.40 -17.05
N ALA B 254 -7.76 -16.20 -17.45
CA ALA B 254 -8.48 -15.89 -18.67
C ALA B 254 -7.78 -16.49 -19.91
N ASP B 255 -6.48 -16.24 -20.10
CA ASP B 255 -5.78 -16.89 -21.23
C ASP B 255 -5.93 -18.38 -21.15
N ALA B 256 -5.76 -19.01 -20.00
CA ALA B 256 -5.89 -20.47 -19.98
C ALA B 256 -7.28 -20.99 -20.43
N LEU B 257 -8.35 -20.34 -19.95
CA LEU B 257 -9.73 -20.83 -20.21
C LEU B 257 -10.14 -20.64 -21.70
N PRO B 258 -10.61 -21.70 -22.36
CA PRO B 258 -10.85 -21.51 -23.80
C PRO B 258 -11.90 -20.44 -24.03
N ASN B 259 -12.94 -20.37 -23.15
CA ASN B 259 -13.97 -19.37 -23.32
C ASN B 259 -13.91 -18.19 -22.34
N GLY B 260 -12.68 -17.87 -21.91
CA GLY B 260 -12.51 -16.90 -20.89
C GLY B 260 -12.09 -15.64 -21.53
N ARG B 261 -12.51 -14.50 -21.00
CA ARG B 261 -11.95 -13.25 -21.43
C ARG B 261 -11.62 -12.38 -20.19
N TYR B 262 -10.73 -11.42 -20.37
CA TYR B 262 -10.17 -10.67 -19.28
C TYR B 262 -10.62 -9.25 -19.35
N LEU B 263 -10.98 -8.73 -18.20
CA LEU B 263 -11.37 -7.35 -18.17
C LEU B 263 -10.75 -6.68 -16.94
N GLN B 264 -10.29 -5.44 -17.08
CA GLN B 264 -9.61 -4.76 -15.99
C GLN B 264 -10.39 -3.56 -15.53
N ILE B 265 -10.57 -3.37 -14.22
CA ILE B 265 -11.24 -2.15 -13.79
C ILE B 265 -10.15 -1.20 -13.24
N PRO B 266 -10.09 0.07 -13.76
CA PRO B 266 -9.11 1.00 -13.24
C PRO B 266 -9.54 1.54 -11.90
N ASP B 267 -8.53 1.98 -11.13
CA ASP B 267 -8.77 2.62 -9.87
C ASP B 267 -9.56 1.75 -8.89
N ALA B 268 -9.28 0.47 -8.89
CA ALA B 268 -9.95 -0.44 -7.94
C ALA B 268 -8.89 -1.25 -7.28
N GLY B 269 -8.94 -1.34 -5.96
CA GLY B 269 -8.05 -2.22 -5.22
C GLY B 269 -8.69 -3.62 -5.13
N HIS B 270 -8.15 -4.45 -4.22
CA HIS B 270 -8.61 -5.82 -4.02
C HIS B 270 -10.11 -5.91 -3.68
N LEU B 271 -10.69 -4.88 -3.06
CA LEU B 271 -12.14 -4.87 -2.80
C LEU B 271 -12.84 -4.09 -3.89
N GLY B 272 -12.43 -4.35 -5.13
CA GLY B 272 -12.92 -3.62 -6.30
C GLY B 272 -14.45 -3.67 -6.42
N PHE B 273 -15.10 -4.75 -5.98
CA PHE B 273 -16.53 -4.89 -6.25
C PHE B 273 -17.36 -4.05 -5.28
N PHE B 274 -16.71 -3.60 -4.20
CA PHE B 274 -17.29 -2.72 -3.18
C PHE B 274 -16.90 -1.30 -3.44
N GLU B 275 -15.81 -1.09 -4.14
CA GLU B 275 -15.24 0.23 -4.29
C GLU B 275 -15.72 0.87 -5.58
N ARG B 276 -15.78 0.08 -6.67
CA ARG B 276 -16.33 0.57 -7.92
C ARG B 276 -17.52 -0.35 -8.32
N PRO B 277 -18.59 -0.35 -7.51
CA PRO B 277 -19.68 -1.34 -7.69
C PRO B 277 -20.37 -1.15 -9.04
N GLU B 278 -20.49 0.09 -9.51
CA GLU B 278 -21.20 0.34 -10.77
C GLU B 278 -20.41 -0.19 -11.91
N ALA B 279 -19.12 0.03 -11.91
CA ALA B 279 -18.36 -0.43 -13.04
C ALA B 279 -18.32 -1.94 -13.03
N VAL B 280 -18.17 -2.52 -11.86
CA VAL B 280 -18.06 -3.97 -11.80
C VAL B 280 -19.44 -4.64 -12.09
N ASN B 281 -20.52 -4.15 -11.50
CA ASN B 281 -21.87 -4.71 -11.81
C ASN B 281 -22.24 -4.58 -13.31
N THR B 282 -21.96 -3.43 -13.94
CA THR B 282 -22.22 -3.25 -15.37
C THR B 282 -21.47 -4.31 -16.14
N ALA B 283 -20.21 -4.57 -15.74
CA ALA B 283 -19.41 -5.55 -16.49
C ALA B 283 -19.98 -6.93 -16.34
N MET B 284 -20.36 -7.31 -15.13
CA MET B 284 -20.87 -8.67 -14.93
C MET B 284 -22.24 -8.90 -15.63
N LEU B 285 -23.11 -7.91 -15.49
CA LEU B 285 -24.46 -7.97 -16.05
C LEU B 285 -24.41 -7.96 -17.61
N LYS B 286 -23.54 -7.20 -18.23
CA LYS B 286 -23.48 -7.25 -19.67
C LYS B 286 -23.02 -8.60 -20.05
N PHE B 287 -21.99 -9.11 -19.41
CA PHE B 287 -21.52 -10.44 -19.75
C PHE B 287 -22.62 -11.51 -19.54
N PHE B 288 -23.30 -11.50 -18.38
CA PHE B 288 -24.31 -12.52 -18.14
C PHE B 288 -25.52 -12.42 -19.08
N ALA B 289 -25.81 -11.22 -19.58
CA ALA B 289 -26.93 -11.02 -20.49
C ALA B 289 -26.59 -11.59 -21.90
N SER B 290 -25.29 -11.70 -22.22
CA SER B 290 -24.87 -12.14 -23.57
C SER B 290 -24.88 -13.68 -23.65
N VAL B 291 -25.05 -14.34 -22.53
CA VAL B 291 -24.82 -15.75 -22.50
C VAL B 291 -26.11 -16.45 -22.10
N LYS B 292 -26.30 -17.71 -22.54
CA LYS B 292 -27.48 -18.48 -22.13
C LYS B 292 -27.34 -19.03 -20.70
N ALA B 293 -28.49 -19.24 -20.05
CA ALA B 293 -28.56 -19.94 -18.79
C ALA B 293 -28.31 -21.43 -19.06
C1 MLA C . 15.83 0.58 1.92
O1A MLA C . 14.81 0.78 2.60
O1B MLA C . 15.91 -0.35 1.06
C2 MLA C . 16.96 1.48 2.21
C3 MLA C . 16.75 2.75 2.64
O3A MLA C . 15.64 3.28 2.82
O3B MLA C . 17.75 3.44 2.90
C TRS D . 7.68 10.88 7.91
C1 TRS D . 6.72 9.71 7.80
C2 TRS D . 9.01 10.25 7.46
C3 TRS D . 7.79 11.71 9.23
N TRS D . 7.29 11.85 6.92
O1 TRS D . 7.11 8.86 6.69
O2 TRS D . 9.61 10.67 6.24
O3 TRS D . 7.09 11.34 10.43
C1 EDO E . 13.50 4.72 5.69
O1 EDO E . 12.37 4.61 4.82
C2 EDO E . 14.21 6.01 5.28
O2 EDO E . 15.20 5.75 4.29
C1 EDO F . 16.09 -4.09 -8.49
O1 EDO F . 16.39 -5.47 -8.75
C2 EDO F . 16.86 -3.71 -7.23
O2 EDO F . 18.18 -3.38 -7.68
C1 EDO G . 18.41 16.73 12.40
O1 EDO G . 18.17 16.60 13.76
C2 EDO G . 17.09 16.93 11.69
O2 EDO G . 17.42 17.71 10.61
NA NA H . 4.28 27.32 -7.58
C1 MLA I . -8.39 -15.17 -0.36
O1A MLA I . -7.86 -16.17 -0.82
O1B MLA I . -9.65 -14.87 -0.49
C2 MLA I . -7.75 -14.23 0.57
C3 MLA I . -7.78 -12.91 0.30
O3A MLA I . -7.39 -12.20 1.19
O3B MLA I . -8.12 -12.39 -0.79
C1 EDO J . -16.19 -5.21 3.44
O1 EDO J . -14.86 -4.99 3.97
C2 EDO J . -16.32 -6.57 2.76
O2 EDO J . -15.65 -7.53 3.59
C1 EDO K . -18.37 -10.16 9.25
O1 EDO K . -18.13 -8.73 9.49
C2 EDO K . -18.89 -10.64 7.90
O2 EDO K . -17.95 -10.76 6.77
C1 EDO L . 4.77 -9.38 -3.34
O1 EDO L . 3.46 -8.81 -3.28
C2 EDO L . 5.17 -9.62 -4.78
O2 EDO L . 5.95 -10.84 -4.81
C1 EDO M . -32.64 -12.82 -16.32
O1 EDO M . -32.06 -13.81 -17.22
C2 EDO M . -34.04 -13.28 -15.89
O2 EDO M . -34.00 -14.54 -15.17
NA NA N . -9.05 -17.52 -23.00
#